data_3ZR7
#
_entry.id   3ZR7
#
_cell.length_a   57.792
_cell.length_b   64.235
_cell.length_c   69.981
_cell.angle_alpha   90.00
_cell.angle_beta   95.67
_cell.angle_gamma   90.00
#
_symmetry.space_group_name_H-M   'P 1 21 1'
#
loop_
_entity.id
_entity.type
_entity.pdbx_description
1 polymer 'PROGESTERONE RECEPTOR'
2 non-polymer 2-CHLORO-N-[[4-(3,5-DIMETHYLISOXAZOL-4-YL)PHENYL]METHYL]-1,4-DIMETHYL-1H-PYRAZOLE-4-SULFONAMIDE
3 non-polymer GLYCEROL
4 non-polymer 'SULFATE ION'
5 water water
#
_entity_poly.entity_id   1
_entity_poly.type   'polypeptide(L)'
_entity_poly.pdbx_seq_one_letter_code
;GSHMGQDIQLIPPLINLLMSIEPDVIYAGHDNTKPDTSSSLLTSLNQLGERQLLSVVKWSKSLPGFRNLHIDDQITLIQY
SWMSLMVFGLGWRSYKHVSGQMLYFAPDLILNEQRMKESSFYSLCLTMWQIPQEFVKLQVSQEEFLCMKVLLLLNTIPLE
GLRSQTQFEEMRSSYIRELIKAIGLRQKGVVSSSQRFYQLTKLLDNLHDLVKQLHLYCLNTFIQSRALSVEFPEMMSEVI
AAQLPKILAGMVKPLLFHKK
;
_entity_poly.pdbx_strand_id   A,B
#
loop_
_chem_comp.id
_chem_comp.type
_chem_comp.name
_chem_comp.formula
GOL non-polymer GLYCEROL 'C3 H8 O3'
OR8 non-polymer 2-CHLORO-N-[[4-(3,5-DIMETHYLISOXAZOL-4-YL)PHENYL]METHYL]-1,4-DIMETHYL-1H-PYRAZOLE-4-SULFONAMIDE 'C17 H19 Cl N4 O3 S'
SO4 non-polymer 'SULFATE ION' 'O4 S -2'
#
# COMPACT_ATOMS: atom_id res chain seq x y z
N LEU A 10 14.83 25.03 0.41
CA LEU A 10 13.77 24.00 0.59
C LEU A 10 13.62 23.18 -0.70
N ILE A 11 13.04 21.99 -0.56
CA ILE A 11 12.89 21.06 -1.68
C ILE A 11 11.68 21.45 -2.54
N PRO A 12 11.85 21.50 -3.88
CA PRO A 12 10.70 21.80 -4.73
C PRO A 12 9.62 20.72 -4.62
N PRO A 13 8.36 21.12 -4.69
CA PRO A 13 7.29 20.19 -4.35
C PRO A 13 7.20 18.94 -5.22
N LEU A 14 7.53 19.02 -6.52
CA LEU A 14 7.49 17.82 -7.34
C LEU A 14 8.53 16.81 -6.88
N ILE A 15 9.70 17.29 -6.46
CA ILE A 15 10.71 16.37 -5.93
C ILE A 15 10.25 15.73 -4.61
N ASN A 16 9.62 16.52 -3.73
CA ASN A 16 9.05 15.97 -2.49
C ASN A 16 7.99 14.91 -2.79
N LEU A 17 7.21 15.15 -3.84
CA LEU A 17 6.21 14.18 -4.28
C LEU A 17 6.88 12.88 -4.72
N LEU A 18 7.91 13.00 -5.55
CA LEU A 18 8.66 11.85 -6.02
C LEU A 18 9.21 11.07 -4.85
N MET A 19 9.76 11.75 -3.83
CA MET A 19 10.26 11.02 -2.68
CA MET A 19 10.24 11.09 -2.62
C MET A 19 9.11 10.25 -2.00
N SER A 20 7.93 10.85 -1.91
CA SER A 20 6.80 10.23 -1.21
C SER A 20 6.21 9.01 -1.92
N ILE A 21 6.37 8.90 -3.23
CA ILE A 21 5.83 7.76 -3.98
C ILE A 21 6.87 6.66 -4.25
N GLU A 22 8.09 6.83 -3.73
CA GLU A 22 9.10 5.78 -3.87
C GLU A 22 8.59 4.46 -3.26
N PRO A 23 8.89 3.32 -3.91
CA PRO A 23 8.49 2.04 -3.32
C PRO A 23 9.13 1.80 -1.94
N ASP A 24 8.47 0.99 -1.11
CA ASP A 24 9.03 0.52 0.16
C ASP A 24 10.11 -0.52 -0.15
N VAL A 25 10.74 -1.02 0.91
CA VAL A 25 11.69 -2.13 0.81
C VAL A 25 11.08 -3.34 0.14
N ILE A 26 11.83 -3.93 -0.79
CA ILE A 26 11.39 -5.13 -1.48
C ILE A 26 12.39 -6.27 -1.25
N TYR A 27 11.90 -7.38 -0.70
CA TYR A 27 12.71 -8.56 -0.43
C TYR A 27 12.68 -9.53 -1.62
N ALA A 28 13.79 -10.25 -1.79
CA ALA A 28 13.90 -11.25 -2.86
C ALA A 28 13.19 -12.56 -2.50
N GLY A 29 13.14 -12.88 -1.22
CA GLY A 29 12.62 -14.16 -0.75
C GLY A 29 13.62 -15.30 -0.89
N HIS A 30 14.91 -14.94 -0.94
CA HIS A 30 15.98 -15.90 -1.15
C HIS A 30 16.27 -16.71 0.09
N ASP A 31 16.53 -18.00 -0.10
CA ASP A 31 16.90 -18.89 0.99
C ASP A 31 18.42 -18.89 1.19
N ASN A 32 18.86 -18.14 2.21
CA ASN A 32 20.27 -17.96 2.50
C ASN A 32 20.86 -19.04 3.40
N THR A 33 20.06 -20.06 3.74
CA THR A 33 20.55 -21.21 4.50
C THR A 33 21.21 -22.27 3.59
N LYS A 34 21.05 -22.10 2.28
CA LYS A 34 21.58 -23.02 1.28
C LYS A 34 22.69 -22.37 0.47
N PRO A 35 23.74 -23.13 0.11
CA PRO A 35 24.81 -22.59 -0.74
C PRO A 35 24.28 -22.11 -2.08
N ASP A 36 24.87 -21.04 -2.61
CA ASP A 36 24.52 -20.53 -3.92
C ASP A 36 24.72 -21.59 -5.01
N THR A 37 23.77 -21.65 -5.94
CA THR A 37 23.99 -22.26 -7.24
C THR A 37 23.58 -21.23 -8.26
N SER A 38 24.02 -21.40 -9.50
CA SER A 38 23.64 -20.48 -10.56
C SER A 38 22.13 -20.46 -10.78
N SER A 39 21.51 -21.63 -10.76
CA SER A 39 20.05 -21.74 -10.89
C SER A 39 19.31 -20.98 -9.79
N SER A 40 19.73 -21.21 -8.54
CA SER A 40 19.02 -20.65 -7.40
C SER A 40 19.18 -19.15 -7.34
N LEU A 41 20.40 -18.66 -7.56
CA LEU A 41 20.65 -17.23 -7.50
CA LEU A 41 20.65 -17.22 -7.50
C LEU A 41 19.89 -16.48 -8.60
N LEU A 42 20.01 -16.94 -9.84
CA LEU A 42 19.34 -16.28 -10.96
C LEU A 42 17.82 -16.36 -10.81
N THR A 43 17.32 -17.47 -10.31
CA THR A 43 15.88 -17.60 -10.06
C THR A 43 15.42 -16.61 -9.02
N SER A 44 16.21 -16.46 -7.95
CA SER A 44 15.92 -15.53 -6.91
CA SER A 44 15.85 -15.52 -6.89
C SER A 44 15.93 -14.10 -7.42
N LEU A 45 16.92 -13.79 -8.26
CA LEU A 45 17.01 -12.46 -8.85
C LEU A 45 15.79 -12.18 -9.75
N ASN A 46 15.33 -13.19 -10.49
CA ASN A 46 14.13 -13.04 -11.30
C ASN A 46 12.85 -12.86 -10.48
N GLN A 47 12.73 -13.57 -9.35
CA GLN A 47 11.60 -13.36 -8.44
C GLN A 47 11.66 -11.94 -7.89
N LEU A 48 12.85 -11.46 -7.50
CA LEU A 48 13.01 -10.09 -7.02
C LEU A 48 12.61 -9.12 -8.13
N GLY A 49 13.07 -9.43 -9.34
CA GLY A 49 12.70 -8.68 -10.54
C GLY A 49 11.22 -8.51 -10.76
N GLU A 50 10.47 -9.60 -10.63
CA GLU A 50 9.01 -9.58 -10.77
C GLU A 50 8.39 -8.63 -9.75
N ARG A 51 8.83 -8.76 -8.52
CA ARG A 51 8.37 -7.87 -7.45
C ARG A 51 8.69 -6.41 -7.73
N GLN A 52 9.91 -6.13 -8.18
CA GLN A 52 10.29 -4.77 -8.53
C GLN A 52 9.48 -4.26 -9.72
N LEU A 53 9.23 -5.12 -10.70
CA LEU A 53 8.42 -4.72 -11.86
C LEU A 53 7.03 -4.30 -11.40
N LEU A 54 6.42 -5.10 -10.54
CA LEU A 54 5.10 -4.75 -10.01
C LEU A 54 5.12 -3.41 -9.28
N SER A 55 6.18 -3.15 -8.52
CA SER A 55 6.31 -1.87 -7.83
C SER A 55 6.50 -0.70 -8.80
N VAL A 56 7.25 -0.90 -9.88
CA VAL A 56 7.34 0.11 -10.96
C VAL A 56 5.95 0.44 -11.53
N VAL A 57 5.13 -0.57 -11.76
CA VAL A 57 3.80 -0.31 -12.30
C VAL A 57 3.00 0.55 -11.33
N LYS A 58 3.03 0.17 -10.05
CA LYS A 58 2.33 0.92 -8.99
C LYS A 58 2.84 2.37 -8.88
N TRP A 59 4.16 2.52 -8.87
CA TRP A 59 4.80 3.83 -8.83
C TRP A 59 4.37 4.68 -10.03
N SER A 60 4.32 4.07 -11.20
CA SER A 60 3.96 4.81 -12.40
C SER A 60 2.53 5.38 -12.34
N LYS A 61 1.63 4.67 -11.64
CA LYS A 61 0.24 5.14 -11.46
C LYS A 61 0.16 6.37 -10.60
N SER A 62 1.20 6.63 -9.79
CA SER A 62 1.23 7.79 -8.90
C SER A 62 2.13 8.89 -9.45
N LEU A 63 2.90 8.59 -10.49
CA LEU A 63 3.91 9.51 -11.03
C LEU A 63 3.24 10.67 -11.81
N PRO A 64 3.45 11.92 -11.39
CA PRO A 64 2.72 13.00 -12.06
C PRO A 64 2.95 13.06 -13.57
N GLY A 65 1.86 13.08 -14.33
CA GLY A 65 1.88 13.11 -15.78
C GLY A 65 1.67 11.77 -16.47
N PHE A 66 2.11 10.69 -15.84
CA PHE A 66 2.23 9.42 -16.55
C PHE A 66 0.86 8.85 -16.92
N ARG A 67 -0.08 8.96 -16.00
CA ARG A 67 -1.41 8.40 -16.18
C ARG A 67 -2.20 9.08 -17.31
N ASN A 68 -1.71 10.23 -17.74
CA ASN A 68 -2.37 11.03 -18.76
C ASN A 68 -1.86 10.74 -20.17
N LEU A 69 -0.81 9.94 -20.27
CA LEU A 69 -0.40 9.40 -21.56
C LEU A 69 -1.38 8.30 -21.99
N HIS A 70 -1.53 8.07 -23.29
CA HIS A 70 -2.33 6.94 -23.77
C HIS A 70 -1.87 5.65 -23.07
N ILE A 71 -2.81 4.78 -22.69
CA ILE A 71 -2.48 3.53 -22.00
CA ILE A 71 -2.46 3.53 -22.00
C ILE A 71 -1.42 2.73 -22.78
N ASP A 72 -1.51 2.77 -24.10
CA ASP A 72 -0.56 2.02 -24.93
C ASP A 72 0.86 2.57 -24.78
N ASP A 73 0.97 3.89 -24.59
CA ASP A 73 2.28 4.53 -24.39
C ASP A 73 2.81 4.19 -23.00
N GLN A 74 1.92 4.15 -22.01
CA GLN A 74 2.33 3.80 -20.66
C GLN A 74 2.92 2.39 -20.65
N ILE A 75 2.27 1.45 -21.33
CA ILE A 75 2.73 0.07 -21.37
C ILE A 75 4.08 0.03 -22.08
N THR A 76 4.15 0.69 -23.23
CA THR A 76 5.40 0.71 -24.01
C THR A 76 6.58 1.26 -23.19
N LEU A 77 6.38 2.36 -22.49
CA LEU A 77 7.48 3.00 -21.74
C LEU A 77 7.97 2.08 -20.61
N ILE A 78 7.05 1.39 -19.95
CA ILE A 78 7.42 0.41 -18.91
C ILE A 78 8.18 -0.76 -19.56
N GLN A 79 7.67 -1.25 -20.68
CA GLN A 79 8.32 -2.36 -21.39
C GLN A 79 9.71 -2.01 -21.93
N TYR A 80 9.94 -0.74 -22.25
CA TYR A 80 11.24 -0.30 -22.78
C TYR A 80 12.25 -0.05 -21.67
N SER A 81 11.76 0.41 -20.53
CA SER A 81 12.63 0.98 -19.50
C SER A 81 12.88 0.12 -18.27
N TRP A 82 12.22 -1.03 -18.12
CA TRP A 82 12.31 -1.78 -16.87
C TRP A 82 13.74 -2.18 -16.47
N MET A 83 14.54 -2.67 -17.42
CA MET A 83 15.91 -3.07 -17.07
C MET A 83 16.69 -1.87 -16.55
N SER A 84 16.56 -0.74 -17.26
N SER A 84 16.57 -0.73 -17.24
CA SER A 84 17.21 0.50 -16.87
CA SER A 84 17.30 0.47 -16.83
C SER A 84 16.83 0.92 -15.46
C SER A 84 16.84 0.93 -15.44
N LEU A 85 15.54 0.91 -15.17
CA LEU A 85 15.04 1.26 -13.82
C LEU A 85 15.57 0.32 -12.74
N MET A 86 15.62 -0.98 -13.03
CA MET A 86 16.11 -1.96 -12.05
C MET A 86 17.59 -1.76 -11.73
N VAL A 87 18.43 -1.62 -12.76
CA VAL A 87 19.85 -1.49 -12.50
C VAL A 87 20.18 -0.14 -11.87
N PHE A 88 19.41 0.90 -12.19
CA PHE A 88 19.59 2.22 -11.59
C PHE A 88 19.25 2.15 -10.09
N GLY A 89 18.12 1.53 -9.77
CA GLY A 89 17.74 1.35 -8.38
C GLY A 89 18.73 0.50 -7.61
N LEU A 90 19.23 -0.57 -8.24
CA LEU A 90 20.27 -1.40 -7.64
C LEU A 90 21.49 -0.54 -7.29
N GLY A 91 21.85 0.36 -8.21
CA GLY A 91 22.98 1.25 -7.95
C GLY A 91 22.73 2.12 -6.74
N TRP A 92 21.54 2.71 -6.67
CA TRP A 92 21.21 3.59 -5.56
C TRP A 92 21.19 2.86 -4.22
N ARG A 93 20.53 1.70 -4.13
CA ARG A 93 20.50 0.93 -2.88
C ARG A 93 21.89 0.51 -2.44
N SER A 94 22.74 0.14 -3.39
CA SER A 94 24.10 -0.28 -3.07
C SER A 94 24.89 0.91 -2.51
N TYR A 95 24.72 2.05 -3.16
CA TYR A 95 25.32 3.31 -2.71
C TYR A 95 24.88 3.70 -1.29
N LYS A 96 23.58 3.65 -1.05
CA LYS A 96 23.01 4.14 0.22
C LYS A 96 23.25 3.20 1.42
N HIS A 97 23.19 1.88 1.22
CA HIS A 97 23.23 0.94 2.35
C HIS A 97 24.57 0.29 2.64
N VAL A 98 25.40 0.10 1.62
CA VAL A 98 26.69 -0.56 1.79
C VAL A 98 27.83 0.23 1.13
N SER A 99 27.65 1.55 1.02
CA SER A 99 28.69 2.47 0.56
C SER A 99 29.18 2.16 -0.84
N GLY A 100 28.31 1.52 -1.63
CA GLY A 100 28.61 1.12 -3.00
C GLY A 100 29.48 -0.12 -3.13
N GLN A 101 29.83 -0.76 -2.01
CA GLN A 101 30.87 -1.80 -2.02
C GLN A 101 30.35 -3.25 -2.03
N MET A 102 29.04 -3.40 -2.15
CA MET A 102 28.39 -4.69 -2.44
C MET A 102 27.23 -4.39 -3.38
N LEU A 103 26.69 -5.42 -4.02
CA LEU A 103 25.50 -5.25 -4.84
C LEU A 103 24.33 -5.57 -3.92
N TYR A 104 23.60 -4.51 -3.57
CA TYR A 104 22.45 -4.58 -2.68
C TYR A 104 21.16 -4.78 -3.49
N PHE A 105 20.97 -6.01 -3.95
CA PHE A 105 19.74 -6.32 -4.70
C PHE A 105 18.53 -6.19 -3.79
N ALA A 106 18.64 -6.68 -2.56
CA ALA A 106 17.59 -6.62 -1.54
C ALA A 106 18.24 -6.86 -0.18
N PRO A 107 17.55 -6.53 0.91
CA PRO A 107 18.16 -6.76 2.23
C PRO A 107 18.51 -8.24 2.46
N ASP A 108 17.78 -9.16 1.81
CA ASP A 108 18.04 -10.60 1.89
C ASP A 108 18.78 -11.15 0.66
N LEU A 109 19.31 -10.27 -0.19
CA LEU A 109 20.12 -10.71 -1.32
C LEU A 109 21.21 -9.67 -1.59
N ILE A 110 22.31 -9.80 -0.87
CA ILE A 110 23.44 -8.88 -0.98
C ILE A 110 24.66 -9.68 -1.45
N LEU A 111 25.26 -9.26 -2.56
CA LEU A 111 26.47 -9.90 -3.05
C LEU A 111 27.67 -9.01 -2.81
N ASN A 112 28.52 -9.39 -1.85
CA ASN A 112 29.85 -8.78 -1.71
C ASN A 112 30.72 -9.32 -2.84
N GLU A 113 31.94 -8.80 -2.98
CA GLU A 113 32.76 -9.18 -4.13
C GLU A 113 33.06 -10.68 -4.16
N GLN A 114 33.35 -11.28 -3.01
CA GLN A 114 33.61 -12.72 -2.92
C GLN A 114 32.44 -13.56 -3.46
N ARG A 115 31.23 -13.16 -3.09
CA ARG A 115 30.01 -13.84 -3.55
C ARG A 115 29.82 -13.63 -5.05
N MET A 116 30.16 -12.43 -5.54
CA MET A 116 30.14 -12.15 -6.98
C MET A 116 31.08 -13.11 -7.68
N LYS A 117 32.32 -13.18 -7.21
CA LYS A 117 33.34 -14.05 -7.79
C LYS A 117 32.92 -15.52 -7.85
N GLU A 118 32.26 -15.99 -6.79
CA GLU A 118 31.84 -17.39 -6.69
C GLU A 118 30.61 -17.69 -7.54
N SER A 119 29.96 -16.65 -8.04
CA SER A 119 28.84 -16.81 -8.96
C SER A 119 29.32 -17.21 -10.36
N SER A 120 28.35 -17.49 -11.22
CA SER A 120 28.60 -17.88 -12.60
C SER A 120 28.45 -16.67 -13.51
N PHE A 121 28.27 -15.49 -12.92
CA PHE A 121 28.08 -14.27 -13.69
C PHE A 121 28.87 -13.11 -13.08
N TYR A 122 30.12 -13.38 -12.72
CA TYR A 122 31.01 -12.37 -12.14
C TYR A 122 31.11 -11.15 -13.06
N SER A 123 31.30 -11.37 -14.36
CA SER A 123 31.46 -10.25 -15.28
C SER A 123 30.22 -9.36 -15.34
N LEU A 124 29.04 -9.97 -15.28
CA LEU A 124 27.79 -9.23 -15.23
C LEU A 124 27.74 -8.42 -13.95
N CYS A 125 28.14 -9.01 -12.83
CA CYS A 125 28.21 -8.30 -11.56
C CYS A 125 29.11 -7.06 -11.65
N LEU A 126 30.30 -7.22 -12.22
CA LEU A 126 31.22 -6.09 -12.43
C LEU A 126 30.62 -4.98 -13.32
N THR A 127 29.90 -5.37 -14.37
CA THR A 127 29.21 -4.40 -15.22
C THR A 127 28.16 -3.62 -14.41
N MET A 128 27.40 -4.33 -13.58
CA MET A 128 26.35 -3.69 -12.78
C MET A 128 26.94 -2.83 -11.65
N TRP A 129 28.05 -3.31 -11.10
CA TRP A 129 28.76 -2.66 -9.97
C TRP A 129 29.33 -1.30 -10.37
N GLN A 130 29.43 -1.06 -11.67
CA GLN A 130 29.86 0.24 -12.19
C GLN A 130 29.00 1.40 -11.72
N ILE A 131 27.67 1.21 -11.74
CA ILE A 131 26.74 2.30 -11.47
C ILE A 131 26.89 2.86 -10.05
N PRO A 132 26.89 2.01 -9.01
CA PRO A 132 27.06 2.55 -7.67
C PRO A 132 28.44 3.15 -7.44
N GLN A 133 29.48 2.62 -8.09
CA GLN A 133 30.79 3.22 -7.94
C GLN A 133 30.77 4.61 -8.55
N GLU A 134 29.96 4.81 -9.60
CA GLU A 134 29.80 6.10 -10.24
C GLU A 134 28.97 7.05 -9.36
N PHE A 135 27.96 6.53 -8.67
CA PHE A 135 27.22 7.35 -7.71
C PHE A 135 28.13 7.82 -6.58
N VAL A 136 29.05 6.95 -6.12
CA VAL A 136 30.07 7.31 -5.10
C VAL A 136 30.92 8.46 -5.61
N LYS A 137 31.38 8.34 -6.85
CA LYS A 137 32.23 9.33 -7.50
C LYS A 137 31.57 10.71 -7.62
N LEU A 138 30.32 10.75 -8.11
CA LEU A 138 29.62 12.02 -8.35
C LEU A 138 28.86 12.56 -7.13
N GLN A 139 28.78 11.74 -6.09
CA GLN A 139 27.98 12.04 -4.90
C GLN A 139 26.57 12.49 -5.31
N VAL A 140 25.90 11.58 -6.00
CA VAL A 140 24.53 11.82 -6.46
C VAL A 140 23.62 12.02 -5.25
N SER A 141 22.81 13.08 -5.28
CA SER A 141 21.85 13.34 -4.21
C SER A 141 20.57 12.57 -4.48
N GLN A 142 19.80 12.34 -3.43
CA GLN A 142 18.47 11.72 -3.58
C GLN A 142 17.58 12.50 -4.54
N GLU A 143 17.66 13.83 -4.48
CA GLU A 143 16.80 14.65 -5.33
C GLU A 143 17.18 14.50 -6.80
N GLU A 144 18.49 14.45 -7.09
CA GLU A 144 18.94 14.17 -8.45
C GLU A 144 18.54 12.77 -8.91
N PHE A 145 18.77 11.77 -8.05
CA PHE A 145 18.39 10.38 -8.32
C PHE A 145 16.92 10.25 -8.72
N LEU A 146 16.04 10.89 -7.96
CA LEU A 146 14.59 10.76 -8.18
C LEU A 146 14.18 11.31 -9.55
N CYS A 147 14.71 12.47 -9.91
CA CYS A 147 14.45 13.05 -11.23
C CYS A 147 15.06 12.23 -12.35
N MET A 148 16.33 11.82 -12.19
CA MET A 148 17.00 10.95 -13.17
C MET A 148 16.23 9.64 -13.43
N LYS A 149 15.70 9.06 -12.37
CA LYS A 149 14.95 7.80 -12.51
C LYS A 149 13.69 7.99 -13.33
N VAL A 150 12.97 9.10 -13.12
CA VAL A 150 11.86 9.41 -14.01
C VAL A 150 12.31 9.54 -15.47
N LEU A 151 13.41 10.27 -15.69
CA LEU A 151 13.89 10.44 -17.06
C LEU A 151 14.25 9.12 -17.72
N LEU A 152 14.72 8.14 -16.94
CA LEU A 152 14.96 6.80 -17.49
C LEU A 152 13.66 6.11 -17.96
N LEU A 153 12.59 6.28 -17.20
CA LEU A 153 11.28 5.78 -17.65
C LEU A 153 10.93 6.39 -19.01
N LEU A 154 11.35 7.64 -19.23
CA LEU A 154 11.00 8.39 -20.45
C LEU A 154 12.15 8.50 -21.46
N ASN A 155 13.06 7.54 -21.49
CA ASN A 155 14.31 7.74 -22.24
C ASN A 155 14.43 7.00 -23.56
N THR A 156 13.40 6.24 -23.93
CA THR A 156 13.33 5.55 -25.21
C THR A 156 11.89 5.57 -25.69
N ILE A 157 11.67 5.86 -26.98
CA ILE A 157 10.32 5.81 -27.57
C ILE A 157 10.35 5.00 -28.86
N PRO A 158 9.18 4.61 -29.37
CA PRO A 158 9.20 3.87 -30.63
C PRO A 158 9.74 4.72 -31.78
N LEU A 159 10.23 4.06 -32.82
CA LEU A 159 10.67 4.76 -34.01
C LEU A 159 9.57 5.67 -34.59
N GLU A 160 8.32 5.24 -34.49
CA GLU A 160 7.17 6.04 -34.99
C GLU A 160 6.66 7.04 -33.95
N GLY A 161 7.32 7.12 -32.81
CA GLY A 161 6.89 7.95 -31.70
C GLY A 161 5.72 7.32 -30.95
N LEU A 162 5.20 8.10 -30.01
CA LEU A 162 4.10 7.68 -29.15
C LEU A 162 2.76 8.24 -29.62
N ARG A 163 1.68 7.62 -29.15
CA ARG A 163 0.33 8.13 -29.46
C ARG A 163 0.12 9.51 -28.82
N SER A 164 0.56 9.64 -27.58
CA SER A 164 0.48 10.91 -26.85
C SER A 164 1.81 11.64 -26.93
N GLN A 165 2.34 11.83 -28.14
CA GLN A 165 3.69 12.37 -28.28
C GLN A 165 3.80 13.77 -27.67
N THR A 166 2.81 14.62 -27.91
CA THR A 166 2.82 15.99 -27.40
C THR A 166 2.91 15.99 -25.89
N GLN A 167 2.03 15.22 -25.24
CA GLN A 167 2.02 15.13 -23.79
C GLN A 167 3.29 14.51 -23.23
N PHE A 168 3.82 13.51 -23.92
CA PHE A 168 5.09 12.92 -23.53
C PHE A 168 6.20 13.97 -23.53
N GLU A 169 6.27 14.77 -24.61
CA GLU A 169 7.36 15.76 -24.71
C GLU A 169 7.24 16.75 -23.58
N GLU A 170 6.01 17.18 -23.30
CA GLU A 170 5.77 18.12 -22.21
C GLU A 170 6.16 17.51 -20.86
N MET A 171 5.84 16.24 -20.66
CA MET A 171 6.19 15.56 -19.40
C MET A 171 7.71 15.42 -19.26
N ARG A 172 8.35 14.94 -20.31
CA ARG A 172 9.79 14.76 -20.27
C ARG A 172 10.51 16.08 -20.00
N SER A 173 10.08 17.13 -20.68
CA SER A 173 10.70 18.44 -20.51
C SER A 173 10.50 18.94 -19.07
N SER A 174 9.32 18.70 -18.52
CA SER A 174 9.02 19.05 -17.14
C SER A 174 9.99 18.39 -16.17
N TYR A 175 10.28 17.11 -16.35
CA TYR A 175 11.19 16.42 -15.44
C TYR A 175 12.66 16.83 -15.68
N ILE A 176 13.01 17.16 -16.93
CA ILE A 176 14.34 17.75 -17.18
C ILE A 176 14.49 19.08 -16.43
N ARG A 177 13.46 19.94 -16.49
CA ARG A 177 13.48 21.19 -15.72
C ARG A 177 13.57 20.90 -14.22
N GLU A 178 12.91 19.81 -13.78
CA GLU A 178 12.98 19.42 -12.38
C GLU A 178 14.37 18.93 -11.97
N LEU A 179 15.05 18.19 -12.85
CA LEU A 179 16.43 17.80 -12.59
C LEU A 179 17.33 19.03 -12.39
N ILE A 180 17.15 20.04 -13.24
CA ILE A 180 17.91 21.28 -13.16
C ILE A 180 17.70 21.94 -11.79
N LYS A 181 16.45 21.93 -11.33
CA LYS A 181 16.13 22.43 -9.97
C LYS A 181 16.81 21.60 -8.86
N ALA A 182 16.84 20.28 -9.02
CA ALA A 182 17.51 19.37 -8.06
C ALA A 182 19.01 19.67 -7.93
N ILE A 183 19.68 19.83 -9.09
CA ILE A 183 21.09 20.23 -9.14
C ILE A 183 21.32 21.54 -8.39
N GLY A 184 20.40 22.50 -8.60
CA GLY A 184 20.46 23.81 -7.94
C GLY A 184 20.41 23.82 -6.43
N LEU A 185 19.95 22.73 -5.81
CA LEU A 185 19.87 22.61 -4.33
C LEU A 185 21.24 22.62 -3.64
N ARG A 186 22.25 22.02 -4.26
CA ARG A 186 23.57 21.94 -3.64
C ARG A 186 24.61 22.70 -4.43
N GLN A 187 24.61 22.54 -5.75
CA GLN A 187 25.56 23.22 -6.62
C GLN A 187 25.13 24.67 -6.77
N LYS A 188 25.80 25.54 -6.02
CA LYS A 188 25.67 26.97 -6.17
C LYS A 188 26.74 27.38 -7.20
N GLY A 189 26.39 28.33 -8.06
CA GLY A 189 27.27 28.76 -9.14
C GLY A 189 26.80 28.22 -10.47
N VAL A 190 26.81 29.08 -11.48
CA VAL A 190 26.30 28.73 -12.81
C VAL A 190 27.21 27.78 -13.57
N VAL A 191 28.53 27.93 -13.43
CA VAL A 191 29.48 27.07 -14.13
C VAL A 191 29.36 25.64 -13.61
N SER A 192 29.41 25.48 -12.29
CA SER A 192 29.29 24.17 -11.67
C SER A 192 27.95 23.50 -11.99
N SER A 193 26.87 24.27 -11.89
CA SER A 193 25.52 23.78 -12.17
C SER A 193 25.34 23.30 -13.61
N SER A 194 25.90 24.05 -14.56
CA SER A 194 25.80 23.68 -15.98
C SER A 194 26.61 22.41 -16.26
N GLN A 195 27.81 22.34 -15.69
CA GLN A 195 28.66 21.15 -15.81
C GLN A 195 28.04 19.93 -15.15
N ARG A 196 27.41 20.11 -13.99
CA ARG A 196 26.73 19.00 -13.33
C ARG A 196 25.56 18.47 -14.15
N PHE A 197 24.83 19.36 -14.81
CA PHE A 197 23.77 18.96 -15.73
C PHE A 197 24.36 18.07 -16.83
N TYR A 198 25.49 18.49 -17.39
CA TYR A 198 26.13 17.67 -18.42
C TYR A 198 26.50 16.28 -17.87
N GLN A 199 27.11 16.26 -16.69
CA GLN A 199 27.59 15.01 -16.09
C GLN A 199 26.46 14.01 -15.82
N LEU A 200 25.38 14.48 -15.22
CA LEU A 200 24.29 13.58 -14.86
C LEU A 200 23.56 13.10 -16.09
N THR A 201 23.39 13.98 -17.07
CA THR A 201 22.68 13.60 -18.29
C THR A 201 23.58 12.75 -19.19
N LYS A 202 24.89 13.00 -19.15
CA LYS A 202 25.84 12.11 -19.83
C LYS A 202 25.80 10.71 -19.22
N LEU A 203 25.73 10.62 -17.89
CA LEU A 203 25.59 9.35 -17.20
C LEU A 203 24.35 8.58 -17.68
N LEU A 204 23.23 9.29 -17.85
CA LEU A 204 22.03 8.67 -18.40
C LEU A 204 22.24 8.18 -19.84
N ASP A 205 22.86 9.01 -20.69
CA ASP A 205 23.20 8.61 -22.08
C ASP A 205 24.04 7.33 -22.06
N ASN A 206 25.02 7.29 -21.16
CA ASN A 206 25.95 6.15 -21.07
C ASN A 206 25.27 4.87 -20.57
N LEU A 207 24.23 5.01 -19.78
CA LEU A 207 23.47 3.83 -19.29
C LEU A 207 22.85 3.01 -20.43
N HIS A 208 22.50 3.65 -21.55
CA HIS A 208 21.99 2.92 -22.71
C HIS A 208 22.95 1.78 -23.09
N ASP A 209 24.25 2.08 -23.11
CA ASP A 209 25.25 1.09 -23.48
C ASP A 209 25.39 -0.06 -22.47
N LEU A 210 25.36 0.28 -21.19
CA LEU A 210 25.44 -0.71 -20.10
C LEU A 210 24.19 -1.61 -20.14
N VAL A 211 23.04 -0.99 -20.32
CA VAL A 211 21.79 -1.73 -20.36
C VAL A 211 21.70 -2.68 -21.55
N LYS A 212 22.35 -2.32 -22.66
CA LYS A 212 22.34 -3.20 -23.83
C LYS A 212 23.03 -4.52 -23.48
N GLN A 213 24.11 -4.45 -22.70
CA GLN A 213 24.81 -5.66 -22.24
C GLN A 213 23.88 -6.51 -21.36
N LEU A 214 23.12 -5.86 -20.47
CA LEU A 214 22.18 -6.57 -19.60
C LEU A 214 21.01 -7.15 -20.41
N HIS A 215 20.52 -6.43 -21.41
CA HIS A 215 19.47 -6.93 -22.28
C HIS A 215 19.89 -8.19 -23.02
N LEU A 216 21.13 -8.24 -23.48
CA LEU A 216 21.60 -9.42 -24.24
C LEU A 216 21.69 -10.63 -23.30
N TYR A 217 22.26 -10.40 -22.11
CA TYR A 217 22.32 -11.43 -21.08
C TYR A 217 20.91 -11.96 -20.76
N CYS A 218 19.97 -11.04 -20.59
CA CYS A 218 18.59 -11.38 -20.29
C CYS A 218 17.98 -12.27 -21.37
N LEU A 219 18.06 -11.85 -22.62
CA LEU A 219 17.41 -12.61 -23.68
C LEU A 219 18.03 -14.00 -23.85
N ASN A 220 19.36 -14.07 -23.77
CA ASN A 220 20.05 -15.37 -23.79
C ASN A 220 19.59 -16.27 -22.64
N THR A 221 19.53 -15.69 -21.44
CA THR A 221 19.08 -16.44 -20.26
C THR A 221 17.61 -16.93 -20.38
N PHE A 222 16.74 -16.07 -20.91
CA PHE A 222 15.32 -16.38 -21.15
C PHE A 222 15.16 -17.53 -22.15
N ILE A 223 15.87 -17.45 -23.26
CA ILE A 223 15.82 -18.49 -24.29
C ILE A 223 16.29 -19.84 -23.73
N GLN A 224 17.32 -19.79 -22.90
CA GLN A 224 17.95 -20.98 -22.34
C GLN A 224 17.41 -21.36 -20.95
N SER A 225 16.30 -20.76 -20.53
CA SER A 225 15.85 -20.89 -19.15
C SER A 225 15.56 -22.32 -18.66
N ARG A 226 15.00 -23.17 -19.52
CA ARG A 226 14.74 -24.55 -19.12
C ARG A 226 16.04 -25.32 -18.89
N ALA A 227 16.99 -25.18 -19.82
CA ALA A 227 18.30 -25.83 -19.70
C ALA A 227 19.08 -25.34 -18.48
N LEU A 228 18.94 -24.05 -18.16
CA LEU A 228 19.64 -23.43 -17.03
C LEU A 228 18.89 -23.58 -15.70
N SER A 229 17.66 -24.08 -15.76
CA SER A 229 16.76 -24.16 -14.61
C SER A 229 16.59 -22.80 -13.95
N VAL A 230 16.33 -21.80 -14.79
CA VAL A 230 16.10 -20.45 -14.32
C VAL A 230 14.65 -20.07 -14.63
N GLU A 231 13.86 -19.82 -13.60
CA GLU A 231 12.45 -19.47 -13.77
C GLU A 231 12.32 -17.98 -14.03
N PHE A 232 11.53 -17.65 -15.05
CA PHE A 232 11.11 -16.28 -15.33
C PHE A 232 9.63 -16.16 -15.00
N PRO A 233 9.28 -15.31 -14.04
CA PRO A 233 7.87 -15.15 -13.70
C PRO A 233 7.02 -14.43 -14.75
N GLU A 234 5.75 -14.28 -14.43
CA GLU A 234 4.74 -13.94 -15.44
C GLU A 234 4.91 -12.58 -16.09
N MET A 235 5.00 -11.50 -15.30
CA MET A 235 5.06 -10.17 -15.92
C MET A 235 6.42 -9.95 -16.55
N MET A 236 7.47 -10.48 -15.93
N MET A 236 7.47 -10.48 -15.92
CA MET A 236 8.80 -10.39 -16.51
CA MET A 236 8.82 -10.41 -16.49
C MET A 236 8.85 -11.08 -17.88
C MET A 236 8.85 -11.08 -17.87
N SER A 237 8.25 -12.26 -17.98
CA SER A 237 8.20 -13.00 -19.25
C SER A 237 7.40 -12.18 -20.28
N GLU A 238 6.32 -11.56 -19.82
CA GLU A 238 5.48 -10.73 -20.68
C GLU A 238 6.24 -9.53 -21.27
N VAL A 239 6.96 -8.78 -20.44
CA VAL A 239 7.68 -7.60 -20.95
C VAL A 239 8.85 -8.03 -21.86
N ILE A 240 9.49 -9.14 -21.53
CA ILE A 240 10.60 -9.65 -22.36
C ILE A 240 10.07 -10.04 -23.74
N ALA A 241 9.01 -10.84 -23.77
CA ALA A 241 8.43 -11.28 -25.04
C ALA A 241 7.85 -10.14 -25.85
N ALA A 242 7.34 -9.10 -25.16
CA ALA A 242 6.67 -7.98 -25.82
C ALA A 242 7.63 -7.12 -26.63
N GLN A 243 8.84 -6.87 -26.12
CA GLN A 243 9.71 -5.86 -26.70
C GLN A 243 11.21 -6.16 -26.75
N LEU A 244 11.71 -7.14 -26.00
CA LEU A 244 13.17 -7.24 -25.84
C LEU A 244 13.94 -7.51 -27.17
N PRO A 245 13.44 -8.39 -28.04
CA PRO A 245 14.16 -8.54 -29.31
C PRO A 245 14.24 -7.22 -30.12
N LYS A 246 13.12 -6.50 -30.14
CA LYS A 246 13.03 -5.22 -30.82
C LYS A 246 14.00 -4.20 -30.25
N ILE A 247 14.08 -4.13 -28.91
CA ILE A 247 15.03 -3.24 -28.23
C ILE A 247 16.49 -3.60 -28.54
N LEU A 248 16.81 -4.88 -28.40
CA LEU A 248 18.16 -5.36 -28.72
C LEU A 248 18.56 -5.07 -30.17
N ALA A 249 17.60 -5.20 -31.07
CA ALA A 249 17.82 -4.93 -32.47
C ALA A 249 18.03 -3.44 -32.78
N GLY A 250 17.86 -2.57 -31.78
CA GLY A 250 17.98 -1.13 -32.02
C GLY A 250 16.82 -0.55 -32.81
N MET A 251 15.68 -1.25 -32.82
CA MET A 251 14.49 -0.80 -33.58
C MET A 251 13.56 0.03 -32.70
N VAL A 252 14.19 0.92 -31.93
CA VAL A 252 13.55 1.87 -31.03
C VAL A 252 14.40 3.13 -31.12
N LYS A 253 13.92 4.21 -30.52
CA LYS A 253 14.62 5.48 -30.54
C LYS A 253 15.07 5.84 -29.13
N PRO A 254 16.34 5.60 -28.82
CA PRO A 254 16.85 6.07 -27.53
C PRO A 254 16.99 7.57 -27.58
N LEU A 255 16.52 8.24 -26.53
CA LEU A 255 16.62 9.68 -26.43
C LEU A 255 17.96 9.98 -25.78
N LEU A 256 18.74 10.81 -26.44
CA LEU A 256 20.07 11.17 -25.96
C LEU A 256 20.05 12.66 -25.62
N PHE A 257 20.68 13.00 -24.49
CA PHE A 257 20.88 14.40 -24.13
C PHE A 257 22.03 15.04 -24.91
N HIS A 258 22.96 14.21 -25.41
CA HIS A 258 24.18 14.70 -26.06
C HIS A 258 24.63 13.81 -27.22
N LYS A 259 25.23 14.42 -28.24
CA LYS A 259 25.81 13.71 -29.41
C LYS A 259 26.04 12.21 -29.19
N LEU B 10 -39.62 14.69 14.65
CA LEU B 10 -38.41 14.87 15.51
C LEU B 10 -37.63 13.58 15.69
N ILE B 11 -36.41 13.72 16.18
CA ILE B 11 -35.51 12.59 16.37
C ILE B 11 -35.84 11.90 17.69
N PRO B 12 -36.01 10.56 17.67
CA PRO B 12 -36.28 9.80 18.90
C PRO B 12 -35.20 10.04 19.96
N PRO B 13 -35.60 10.09 21.24
CA PRO B 13 -34.61 10.46 22.26
C PRO B 13 -33.38 9.56 22.36
N LEU B 14 -33.54 8.26 22.15
CA LEU B 14 -32.37 7.37 22.26
C LEU B 14 -31.37 7.68 21.15
N ILE B 15 -31.87 8.04 19.97
CA ILE B 15 -30.97 8.41 18.87
C ILE B 15 -30.27 9.73 19.18
N ASN B 16 -30.98 10.68 19.78
CA ASN B 16 -30.36 11.95 20.18
C ASN B 16 -29.25 11.68 21.19
N LEU B 17 -29.52 10.76 22.10
CA LEU B 17 -28.51 10.39 23.12
C LEU B 17 -27.29 9.74 22.46
N LEU B 18 -27.53 8.82 21.52
CA LEU B 18 -26.40 8.22 20.79
C LEU B 18 -25.57 9.27 20.06
N MET B 19 -26.22 10.28 19.48
CA MET B 19 -25.48 11.38 18.88
C MET B 19 -24.59 12.09 19.91
N SER B 20 -25.16 12.36 21.08
CA SER B 20 -24.48 13.11 22.13
C SER B 20 -23.27 12.37 22.71
N ILE B 21 -23.29 11.04 22.71
CA ILE B 21 -22.19 10.26 23.28
C ILE B 21 -21.14 9.83 22.28
N GLU B 22 -21.31 10.22 21.02
CA GLU B 22 -20.27 9.96 20.02
C GLU B 22 -18.94 10.61 20.46
N PRO B 23 -17.82 9.95 20.20
CA PRO B 23 -16.55 10.57 20.60
C PRO B 23 -16.25 11.86 19.84
N ASP B 24 -15.46 12.74 20.45
CA ASP B 24 -14.89 13.89 19.77
C ASP B 24 -13.90 13.35 18.71
N VAL B 25 -13.44 14.26 17.87
CA VAL B 25 -12.43 13.95 16.84
C VAL B 25 -11.19 13.38 17.51
N ILE B 26 -10.67 12.30 16.93
CA ILE B 26 -9.47 11.65 17.44
C ILE B 26 -8.37 11.76 16.38
N TYR B 27 -7.26 12.39 16.74
CA TYR B 27 -6.10 12.53 15.86
C TYR B 27 -5.16 11.36 15.98
N ALA B 28 -4.48 11.01 14.90
CA ALA B 28 -3.49 9.92 14.94
C ALA B 28 -2.19 10.34 15.64
N GLY B 29 -1.88 11.63 15.64
CA GLY B 29 -0.56 12.13 16.07
C GLY B 29 0.50 11.83 15.03
N HIS B 30 0.08 11.79 13.77
CA HIS B 30 0.94 11.44 12.65
C HIS B 30 1.91 12.59 12.30
N ASP B 31 3.21 12.32 12.38
CA ASP B 31 4.23 13.31 12.03
C ASP B 31 4.24 13.48 10.52
N ASN B 32 3.59 14.54 10.06
CA ASN B 32 3.40 14.79 8.63
C ASN B 32 4.66 15.43 8.04
N THR B 37 7.67 5.59 5.74
CA THR B 37 7.85 4.20 5.31
C THR B 37 6.58 3.41 5.58
N SER B 38 6.54 2.17 5.07
CA SER B 38 5.44 1.26 5.36
C SER B 38 5.29 1.06 6.86
N SER B 39 6.41 0.76 7.52
CA SER B 39 6.41 0.49 8.96
C SER B 39 5.93 1.70 9.76
N SER B 40 6.37 2.91 9.38
CA SER B 40 5.96 4.12 10.09
C SER B 40 4.45 4.37 9.92
N LEU B 41 3.93 4.12 8.73
CA LEU B 41 2.49 4.27 8.49
C LEU B 41 1.69 3.28 9.35
N LEU B 42 2.08 2.02 9.36
CA LEU B 42 1.34 1.03 10.16
C LEU B 42 1.44 1.35 11.66
N THR B 43 2.59 1.82 12.11
CA THR B 43 2.77 2.23 13.51
C THR B 43 1.85 3.39 13.85
N SER B 44 1.74 4.37 12.94
CA SER B 44 0.81 5.49 13.15
C SER B 44 -0.63 5.02 13.22
N LEU B 45 -1.03 4.14 12.31
CA LEU B 45 -2.36 3.55 12.35
C LEU B 45 -2.63 2.81 13.67
N ASN B 46 -1.61 2.13 14.17
CA ASN B 46 -1.70 1.44 15.47
C ASN B 46 -1.86 2.41 16.65
N GLN B 47 -1.15 3.53 16.58
CA GLN B 47 -1.29 4.61 17.55
C GLN B 47 -2.73 5.16 17.54
N LEU B 48 -3.23 5.44 16.35
CA LEU B 48 -4.61 5.85 16.21
C LEU B 48 -5.57 4.79 16.79
N GLY B 49 -5.29 3.52 16.54
CA GLY B 49 -6.13 2.43 17.03
C GLY B 49 -6.16 2.38 18.55
N GLU B 50 -5.01 2.65 19.16
CA GLU B 50 -4.91 2.72 20.63
C GLU B 50 -5.83 3.81 21.17
N ARG B 51 -5.81 4.97 20.51
CA ARG B 51 -6.67 6.08 20.91
C ARG B 51 -8.14 5.79 20.68
N GLN B 52 -8.45 5.16 19.55
CA GLN B 52 -9.80 4.75 19.26
C GLN B 52 -10.34 3.70 20.21
N LEU B 53 -9.47 2.76 20.63
CA LEU B 53 -9.89 1.70 21.55
C LEU B 53 -10.32 2.33 22.87
N LEU B 54 -9.51 3.25 23.37
CA LEU B 54 -9.87 3.99 24.58
C LEU B 54 -11.22 4.67 24.40
N SER B 55 -11.45 5.28 23.24
CA SER B 55 -12.70 6.03 23.02
C SER B 55 -13.89 5.06 22.94
N VAL B 56 -13.69 3.89 22.34
CA VAL B 56 -14.74 2.86 22.33
C VAL B 56 -15.15 2.44 23.76
N VAL B 57 -14.15 2.22 24.61
CA VAL B 57 -14.46 1.76 25.97
C VAL B 57 -15.22 2.88 26.70
N LYS B 58 -14.75 4.13 26.60
CA LYS B 58 -15.46 5.27 27.21
C LYS B 58 -16.89 5.41 26.67
N TRP B 59 -17.06 5.32 25.36
CA TRP B 59 -18.38 5.37 24.73
C TRP B 59 -19.30 4.30 25.32
N SER B 60 -18.78 3.10 25.48
CA SER B 60 -19.58 1.96 25.98
C SER B 60 -20.12 2.24 27.40
N LYS B 61 -19.36 3.01 28.18
CA LYS B 61 -19.77 3.34 29.55
C LYS B 61 -20.98 4.29 29.59
N SER B 62 -21.25 4.98 28.48
CA SER B 62 -22.40 5.89 28.37
C SER B 62 -23.54 5.31 27.53
N LEU B 63 -23.31 4.17 26.91
CA LEU B 63 -24.25 3.59 25.95
C LEU B 63 -25.41 2.97 26.72
N PRO B 64 -26.64 3.45 26.50
CA PRO B 64 -27.72 2.92 27.35
C PRO B 64 -27.84 1.39 27.30
N GLY B 65 -27.89 0.82 28.49
CA GLY B 65 -28.03 -0.61 28.67
C GLY B 65 -26.71 -1.37 28.81
N PHE B 66 -25.60 -0.85 28.29
CA PHE B 66 -24.38 -1.68 28.23
C PHE B 66 -23.79 -1.94 29.59
N ARG B 67 -23.78 -0.90 30.43
CA ARG B 67 -23.15 -0.97 31.75
C ARG B 67 -23.86 -1.94 32.68
N ASN B 68 -25.08 -2.35 32.32
CA ASN B 68 -25.86 -3.23 33.13
C ASN B 68 -25.66 -4.72 32.83
N LEU B 69 -24.95 -5.01 31.74
CA LEU B 69 -24.51 -6.37 31.47
C LEU B 69 -23.40 -6.71 32.48
N HIS B 70 -23.24 -7.99 32.75
CA HIS B 70 -22.12 -8.42 33.59
C HIS B 70 -20.82 -7.81 33.01
N ILE B 71 -19.92 -7.37 33.89
CA ILE B 71 -18.65 -6.80 33.45
C ILE B 71 -17.88 -7.73 32.50
N ASP B 72 -17.92 -9.05 32.73
CA ASP B 72 -17.23 -10.01 31.86
C ASP B 72 -17.81 -9.96 30.43
N ASP B 73 -19.12 -9.79 30.34
CA ASP B 73 -19.80 -9.67 29.04
C ASP B 73 -19.42 -8.37 28.35
N GLN B 74 -19.36 -7.28 29.10
CA GLN B 74 -18.96 -6.00 28.53
C GLN B 74 -17.56 -6.12 27.89
N ILE B 75 -16.64 -6.71 28.65
CA ILE B 75 -15.26 -6.89 28.19
C ILE B 75 -15.23 -7.78 26.94
N THR B 76 -15.91 -8.92 27.01
CA THR B 76 -15.98 -9.85 25.88
C THR B 76 -16.50 -9.16 24.62
N LEU B 77 -17.60 -8.41 24.74
CA LEU B 77 -18.22 -7.79 23.57
C LEU B 77 -17.28 -6.76 22.94
N ILE B 78 -16.54 -6.02 23.75
CA ILE B 78 -15.57 -5.07 23.22
C ILE B 78 -14.42 -5.82 22.56
N GLN B 79 -13.92 -6.87 23.21
CA GLN B 79 -12.84 -7.68 22.59
C GLN B 79 -13.25 -8.35 21.28
N TYR B 80 -14.53 -8.67 21.12
CA TYR B 80 -15.01 -9.30 19.91
C TYR B 80 -15.24 -8.27 18.82
N SER B 81 -15.69 -7.07 19.22
CA SER B 81 -16.21 -6.13 18.20
C SER B 81 -15.29 -4.96 17.82
N TRP B 82 -14.17 -4.78 18.51
CA TRP B 82 -13.39 -3.55 18.34
C TRP B 82 -12.96 -3.33 16.90
N MET B 83 -12.49 -4.36 16.21
CA MET B 83 -12.07 -4.19 14.81
C MET B 83 -13.26 -3.76 13.97
N SER B 84 -14.42 -4.39 14.19
CA SER B 84 -15.62 -4.06 13.43
C SER B 84 -16.02 -2.60 13.64
N LEU B 85 -15.99 -2.16 14.90
CA LEU B 85 -16.37 -0.79 15.25
C LEU B 85 -15.38 0.19 14.64
N MET B 86 -14.10 -0.18 14.61
CA MET B 86 -13.11 0.72 14.04
C MET B 86 -13.28 0.90 12.53
N VAL B 87 -13.41 -0.21 11.82
CA VAL B 87 -13.65 -0.14 10.37
C VAL B 87 -15.01 0.50 9.99
N PHE B 88 -16.03 0.29 10.81
CA PHE B 88 -17.33 0.89 10.56
C PHE B 88 -17.25 2.42 10.72
N GLY B 89 -16.53 2.89 11.74
CA GLY B 89 -16.32 4.31 11.96
C GLY B 89 -15.43 4.94 10.91
N LEU B 90 -14.39 4.21 10.49
CA LEU B 90 -13.60 4.60 9.33
C LEU B 90 -14.49 4.82 8.13
N GLY B 91 -15.40 3.89 7.89
CA GLY B 91 -16.33 4.01 6.76
C GLY B 91 -17.19 5.25 6.85
N TRP B 92 -17.69 5.55 8.05
CA TRP B 92 -18.53 6.71 8.28
C TRP B 92 -17.76 8.00 7.98
N ARG B 93 -16.59 8.14 8.60
CA ARG B 93 -15.74 9.31 8.39
C ARG B 93 -15.39 9.51 6.92
N SER B 94 -15.08 8.43 6.22
CA SER B 94 -14.70 8.52 4.81
C SER B 94 -15.87 9.00 3.95
N TYR B 95 -17.03 8.40 4.16
CA TYR B 95 -18.30 8.82 3.55
C TYR B 95 -18.60 10.28 3.82
N LYS B 96 -18.56 10.68 5.09
CA LYS B 96 -18.95 12.03 5.48
C LYS B 96 -17.99 13.12 5.02
N HIS B 97 -16.70 12.88 5.15
CA HIS B 97 -15.68 13.95 4.97
C HIS B 97 -15.10 14.02 3.57
N VAL B 98 -15.03 12.88 2.89
CA VAL B 98 -14.40 12.82 1.58
C VAL B 98 -15.22 12.03 0.55
N SER B 99 -16.53 11.96 0.77
CA SER B 99 -17.45 11.30 -0.19
C SER B 99 -17.06 9.85 -0.52
N GLY B 100 -16.46 9.18 0.46
CA GLY B 100 -16.03 7.80 0.29
C GLY B 100 -14.85 7.58 -0.65
N GLN B 101 -14.18 8.65 -1.07
CA GLN B 101 -13.18 8.59 -2.14
C GLN B 101 -11.74 8.54 -1.62
N MET B 102 -11.58 8.73 -0.33
CA MET B 102 -10.35 8.44 0.40
C MET B 102 -10.71 7.76 1.71
N LEU B 103 -9.70 7.19 2.37
CA LEU B 103 -9.91 6.59 3.67
C LEU B 103 -9.52 7.55 4.81
N TYR B 104 -10.55 8.05 5.49
CA TYR B 104 -10.38 9.10 6.48
C TYR B 104 -10.19 8.48 7.86
N PHE B 105 -8.98 8.01 8.11
CA PHE B 105 -8.65 7.40 9.41
C PHE B 105 -8.74 8.43 10.52
N ALA B 106 -8.21 9.63 10.27
CA ALA B 106 -8.27 10.76 11.22
C ALA B 106 -8.01 12.03 10.43
N PRO B 107 -8.29 13.19 11.03
CA PRO B 107 -8.03 14.44 10.26
C PRO B 107 -6.58 14.59 9.82
N ASP B 108 -5.65 14.03 10.59
CA ASP B 108 -4.22 14.03 10.25
C ASP B 108 -3.70 12.74 9.59
N LEU B 109 -4.61 11.87 9.15
CA LEU B 109 -4.24 10.60 8.51
C LEU B 109 -5.35 10.19 7.55
N ILE B 110 -5.30 10.84 6.38
CA ILE B 110 -6.24 10.60 5.28
C ILE B 110 -5.47 9.96 4.14
N LEU B 111 -5.85 8.73 3.78
CA LEU B 111 -5.06 7.96 2.79
C LEU B 111 -5.81 7.91 1.47
N ASN B 112 -5.09 8.32 0.43
CA ASN B 112 -5.49 8.10 -0.96
C ASN B 112 -4.62 6.97 -1.55
N GLU B 113 -4.83 6.66 -2.81
CA GLU B 113 -4.25 5.46 -3.40
C GLU B 113 -2.72 5.56 -3.49
N GLN B 114 -2.21 6.78 -3.62
CA GLN B 114 -0.77 7.00 -3.73
C GLN B 114 -0.04 6.53 -2.45
N ARG B 115 -0.72 6.57 -1.32
CA ARG B 115 -0.11 6.19 -0.03
C ARG B 115 -0.27 4.72 0.34
N MET B 116 -0.87 3.94 -0.55
CA MET B 116 -1.12 2.51 -0.32
C MET B 116 -0.23 1.68 -1.25
N LYS B 117 1.04 1.56 -0.87
CA LYS B 117 2.08 1.03 -1.75
C LYS B 117 2.18 -0.48 -1.66
N GLU B 118 2.39 -0.98 -0.44
CA GLU B 118 2.54 -2.41 -0.21
C GLU B 118 1.23 -3.08 -0.60
N SER B 119 1.32 -4.15 -1.41
CA SER B 119 0.14 -4.76 -2.04
C SER B 119 -0.84 -5.37 -1.03
N SER B 120 -0.32 -5.96 0.04
CA SER B 120 -1.13 -6.52 1.12
C SER B 120 -1.99 -5.43 1.78
N PHE B 121 -1.39 -4.27 1.99
CA PHE B 121 -2.07 -3.13 2.62
C PHE B 121 -3.05 -2.49 1.64
N TYR B 122 -2.66 -2.36 0.37
CA TYR B 122 -3.59 -1.86 -0.64
C TYR B 122 -4.82 -2.76 -0.73
N SER B 123 -4.61 -4.08 -0.73
CA SER B 123 -5.73 -5.04 -0.74
C SER B 123 -6.65 -4.86 0.46
N LEU B 124 -6.04 -4.71 1.63
CA LEU B 124 -6.81 -4.49 2.85
C LEU B 124 -7.65 -3.22 2.73
N CYS B 125 -7.04 -2.14 2.23
CA CYS B 125 -7.75 -0.89 1.98
C CYS B 125 -8.92 -1.03 1.01
N LEU B 126 -8.74 -1.81 -0.05
CA LEU B 126 -9.84 -2.06 -0.97
C LEU B 126 -11.00 -2.76 -0.27
N THR B 127 -10.67 -3.72 0.60
CA THR B 127 -11.71 -4.37 1.37
C THR B 127 -12.42 -3.38 2.29
N MET B 128 -11.64 -2.55 3.01
CA MET B 128 -12.22 -1.58 3.93
C MET B 128 -13.09 -0.58 3.22
N TRP B 129 -12.70 -0.24 2.00
CA TRP B 129 -13.41 0.73 1.14
C TRP B 129 -14.85 0.31 0.80
N GLN B 130 -15.16 -0.99 0.89
CA GLN B 130 -16.51 -1.47 0.59
C GLN B 130 -17.56 -0.81 1.50
N ILE B 131 -17.20 -0.50 2.74
CA ILE B 131 -18.15 0.09 3.69
C ILE B 131 -18.59 1.50 3.25
N PRO B 132 -17.63 2.43 3.06
CA PRO B 132 -18.09 3.75 2.61
C PRO B 132 -18.76 3.72 1.24
N GLN B 133 -18.35 2.80 0.37
CA GLN B 133 -19.02 2.65 -0.91
C GLN B 133 -20.49 2.25 -0.75
N GLU B 134 -20.76 1.37 0.21
CA GLU B 134 -22.14 1.01 0.52
C GLU B 134 -22.90 2.15 1.17
N PHE B 135 -22.24 2.91 2.03
CA PHE B 135 -22.87 4.05 2.68
C PHE B 135 -23.29 5.07 1.62
N VAL B 136 -22.44 5.29 0.62
CA VAL B 136 -22.75 6.20 -0.50
C VAL B 136 -23.93 5.67 -1.30
N LYS B 137 -23.88 4.39 -1.66
CA LYS B 137 -24.92 3.75 -2.46
C LYS B 137 -26.30 3.81 -1.78
N LEU B 138 -26.33 3.44 -0.50
CA LEU B 138 -27.58 3.35 0.27
C LEU B 138 -27.99 4.71 0.87
N GLN B 139 -27.12 5.70 0.80
CA GLN B 139 -27.33 7.01 1.45
C GLN B 139 -27.71 6.84 2.94
N VAL B 140 -26.86 6.11 3.66
CA VAL B 140 -27.05 5.88 5.09
C VAL B 140 -27.07 7.20 5.86
N SER B 141 -28.05 7.37 6.74
CA SER B 141 -28.15 8.56 7.57
C SER B 141 -27.36 8.39 8.85
N GLN B 142 -27.04 9.52 9.48
CA GLN B 142 -26.38 9.44 10.78
CA GLN B 142 -26.43 9.52 10.81
C GLN B 142 -27.23 8.66 11.78
N GLU B 143 -28.54 8.84 11.74
CA GLU B 143 -29.43 8.14 12.66
C GLU B 143 -29.36 6.62 12.48
N GLU B 144 -29.39 6.18 11.22
CA GLU B 144 -29.21 4.75 10.92
C GLU B 144 -27.86 4.23 11.36
N PHE B 145 -26.81 5.00 11.04
CA PHE B 145 -25.45 4.63 11.38
C PHE B 145 -25.25 4.39 12.87
N LEU B 146 -25.81 5.28 13.67
CA LEU B 146 -25.62 5.23 15.12
C LEU B 146 -26.25 3.97 15.69
N CYS B 147 -27.42 3.62 15.18
CA CYS B 147 -28.11 2.40 15.64
C CYS B 147 -27.39 1.14 15.16
N MET B 148 -26.98 1.14 13.89
CA MET B 148 -26.17 0.05 13.35
C MET B 148 -24.88 -0.20 14.13
N LYS B 149 -24.22 0.88 14.56
CA LYS B 149 -22.97 0.76 15.29
C LYS B 149 -23.13 0.05 16.63
N VAL B 150 -24.21 0.36 17.34
CA VAL B 150 -24.54 -0.38 18.55
C VAL B 150 -24.79 -1.86 18.25
N LEU B 151 -25.51 -2.15 17.18
CA LEU B 151 -25.79 -3.54 16.83
C LEU B 151 -24.51 -4.28 16.51
N LEU B 152 -23.51 -3.58 15.96
CA LEU B 152 -22.21 -4.20 15.70
C LEU B 152 -21.48 -4.61 16.98
N LEU B 153 -21.55 -3.73 18.00
CA LEU B 153 -21.00 -4.05 19.32
C LEU B 153 -21.64 -5.33 19.86
N LEU B 154 -22.91 -5.53 19.51
CA LEU B 154 -23.70 -6.62 20.01
C LEU B 154 -23.87 -7.76 19.01
N ASN B 155 -22.91 -7.93 18.08
CA ASN B 155 -23.16 -8.79 16.92
C ASN B 155 -22.47 -10.16 16.94
N THR B 156 -21.70 -10.42 17.99
CA THR B 156 -21.07 -11.72 18.19
C THR B 156 -21.05 -12.00 19.68
N ILE B 157 -21.32 -13.26 20.04
CA ILE B 157 -21.31 -13.68 21.44
C ILE B 157 -20.53 -14.99 21.53
N PRO B 158 -20.12 -15.39 22.74
CA PRO B 158 -19.41 -16.65 22.86
C PRO B 158 -20.28 -17.86 22.51
N LEU B 159 -19.64 -18.97 22.16
CA LEU B 159 -20.38 -20.19 21.85
C LEU B 159 -21.32 -20.59 22.99
N GLU B 160 -20.88 -20.38 24.23
CA GLU B 160 -21.65 -20.71 25.43
C GLU B 160 -22.65 -19.62 25.83
N GLY B 161 -22.71 -18.54 25.06
CA GLY B 161 -23.55 -17.40 25.40
C GLY B 161 -22.89 -16.52 26.44
N LEU B 162 -23.63 -15.49 26.86
CA LEU B 162 -23.13 -14.51 27.79
C LEU B 162 -23.64 -14.81 29.18
N ARG B 163 -22.99 -14.26 30.19
CA ARG B 163 -23.49 -14.34 31.56
C ARG B 163 -24.87 -13.65 31.71
N SER B 164 -24.98 -12.48 31.10
CA SER B 164 -26.22 -11.67 31.12
C SER B 164 -26.97 -11.83 29.79
N GLN B 165 -27.25 -13.07 29.42
CA GLN B 165 -27.82 -13.35 28.10
C GLN B 165 -29.20 -12.71 27.93
N THR B 166 -30.04 -12.83 28.96
CA THR B 166 -31.39 -12.20 28.91
C THR B 166 -31.30 -10.70 28.67
N GLN B 167 -30.56 -9.99 29.53
CA GLN B 167 -30.34 -8.54 29.36
C GLN B 167 -29.76 -8.19 27.99
N PHE B 168 -28.83 -9.02 27.51
CA PHE B 168 -28.21 -8.77 26.22
C PHE B 168 -29.22 -8.82 25.09
N GLU B 169 -30.06 -9.85 25.11
CA GLU B 169 -31.09 -10.00 24.08
C GLU B 169 -32.11 -8.88 24.12
N GLU B 170 -32.46 -8.42 25.32
CA GLU B 170 -33.35 -7.26 25.47
C GLU B 170 -32.70 -6.00 24.92
N MET B 171 -31.42 -5.79 25.24
CA MET B 171 -30.68 -4.65 24.70
C MET B 171 -30.63 -4.68 23.18
N ARG B 172 -30.27 -5.83 22.63
CA ARG B 172 -30.22 -5.97 21.18
C ARG B 172 -31.58 -5.67 20.52
N SER B 173 -32.65 -6.24 21.08
CA SER B 173 -34.01 -5.95 20.59
C SER B 173 -34.33 -4.47 20.62
N SER B 174 -33.92 -3.79 21.68
N SER B 174 -33.91 -3.79 21.69
CA SER B 174 -34.18 -2.36 21.80
CA SER B 174 -34.15 -2.35 21.84
C SER B 174 -33.51 -1.55 20.69
C SER B 174 -33.51 -1.55 20.70
N TYR B 175 -32.26 -1.87 20.38
CA TYR B 175 -31.53 -1.15 19.33
C TYR B 175 -32.01 -1.54 17.92
N ILE B 176 -32.48 -2.79 17.74
CA ILE B 176 -33.19 -3.16 16.49
C ILE B 176 -34.44 -2.29 16.32
N ARG B 177 -35.21 -2.11 17.39
CA ARG B 177 -36.39 -1.26 17.32
C ARG B 177 -35.98 0.19 17.02
N GLU B 178 -34.86 0.62 17.58
CA GLU B 178 -34.42 1.99 17.33
C GLU B 178 -33.93 2.18 15.89
N LEU B 179 -33.27 1.17 15.32
CA LEU B 179 -32.89 1.21 13.91
C LEU B 179 -34.12 1.37 13.02
N ILE B 180 -35.20 0.65 13.36
CA ILE B 180 -36.47 0.76 12.64
C ILE B 180 -37.03 2.17 12.72
N LYS B 181 -36.95 2.80 13.90
CA LYS B 181 -37.32 4.21 14.04
C LYS B 181 -36.44 5.13 13.18
N ALA B 182 -35.13 4.89 13.18
CA ALA B 182 -34.18 5.65 12.36
C ALA B 182 -34.57 5.59 10.89
N ILE B 183 -34.84 4.37 10.42
CA ILE B 183 -35.30 4.16 9.03
C ILE B 183 -36.61 4.93 8.77
N GLY B 184 -37.51 4.89 9.74
CA GLY B 184 -38.81 5.57 9.66
C GLY B 184 -38.75 7.09 9.57
N LEU B 185 -37.62 7.70 9.91
CA LEU B 185 -37.46 9.14 9.81
C LEU B 185 -37.53 9.64 8.37
N ARG B 186 -37.11 8.80 7.43
CA ARG B 186 -37.02 9.20 6.03
C ARG B 186 -37.85 8.27 5.14
N GLN B 187 -37.66 6.95 5.29
CA GLN B 187 -38.45 5.97 4.54
C GLN B 187 -39.87 5.90 5.08
N LYS B 188 -40.78 6.58 4.39
CA LYS B 188 -42.20 6.48 4.63
C LYS B 188 -42.73 5.35 3.74
N GLY B 189 -43.65 4.56 4.26
CA GLY B 189 -44.22 3.43 3.52
C GLY B 189 -43.74 2.12 4.12
N VAL B 190 -44.67 1.18 4.31
CA VAL B 190 -44.37 -0.07 5.00
C VAL B 190 -43.40 -0.96 4.19
N VAL B 191 -43.64 -1.09 2.89
CA VAL B 191 -42.80 -1.97 2.05
C VAL B 191 -41.38 -1.39 1.88
N SER B 192 -41.29 -0.10 1.56
CA SER B 192 -40.02 0.59 1.41
C SER B 192 -39.22 0.56 2.71
N SER B 193 -39.91 0.79 3.82
CA SER B 193 -39.29 0.68 5.15
C SER B 193 -38.76 -0.72 5.44
N SER B 194 -39.53 -1.76 5.12
N SER B 194 -39.54 -1.75 5.11
CA SER B 194 -39.09 -3.13 5.34
CA SER B 194 -39.13 -3.13 5.31
C SER B 194 -37.91 -3.51 4.44
C SER B 194 -37.92 -3.50 4.44
N GLN B 195 -37.93 -3.05 3.19
CA GLN B 195 -36.84 -3.31 2.26
C GLN B 195 -35.56 -2.62 2.73
N ARG B 196 -35.70 -1.41 3.29
CA ARG B 196 -34.51 -0.74 3.81
C ARG B 196 -33.96 -1.44 5.04
N PHE B 197 -34.84 -1.92 5.91
CA PHE B 197 -34.39 -2.70 7.05
C PHE B 197 -33.60 -3.93 6.58
N TYR B 198 -34.10 -4.60 5.55
CA TYR B 198 -33.39 -5.74 4.96
C TYR B 198 -31.98 -5.33 4.53
N GLN B 199 -31.89 -4.24 3.77
CA GLN B 199 -30.63 -3.76 3.22
C GLN B 199 -29.59 -3.45 4.31
N LEU B 200 -30.03 -2.76 5.36
CA LEU B 200 -29.12 -2.35 6.40
C LEU B 200 -28.67 -3.52 7.28
N THR B 201 -29.58 -4.44 7.58
CA THR B 201 -29.24 -5.61 8.36
C THR B 201 -28.44 -6.60 7.53
N LYS B 202 -28.68 -6.67 6.22
CA LYS B 202 -27.81 -7.47 5.36
C LYS B 202 -26.37 -6.91 5.35
N LEU B 203 -26.25 -5.59 5.33
CA LEU B 203 -24.94 -4.94 5.43
C LEU B 203 -24.23 -5.39 6.71
N LEU B 204 -24.96 -5.39 7.82
CA LEU B 204 -24.38 -5.83 9.09
C LEU B 204 -23.94 -7.29 9.03
N ASP B 205 -24.78 -8.16 8.49
CA ASP B 205 -24.42 -9.58 8.30
C ASP B 205 -23.14 -9.72 7.48
N ASN B 206 -23.05 -8.97 6.39
CA ASN B 206 -21.91 -9.02 5.48
C ASN B 206 -20.60 -8.54 6.11
N LEU B 207 -20.70 -7.70 7.12
CA LEU B 207 -19.50 -7.22 7.84
C LEU B 207 -18.75 -8.35 8.55
N HIS B 208 -19.44 -9.42 8.94
CA HIS B 208 -18.74 -10.57 9.57
C HIS B 208 -17.67 -11.10 8.63
N ASP B 209 -18.02 -11.27 7.36
CA ASP B 209 -17.06 -11.81 6.38
C ASP B 209 -15.97 -10.78 6.08
N LEU B 210 -16.34 -9.50 6.01
CA LEU B 210 -15.36 -8.44 5.75
C LEU B 210 -14.31 -8.35 6.85
N VAL B 211 -14.74 -8.41 8.10
CA VAL B 211 -13.84 -8.23 9.24
C VAL B 211 -12.87 -9.42 9.39
N LYS B 212 -13.26 -10.58 8.89
CA LYS B 212 -12.36 -11.76 8.88
C LYS B 212 -11.01 -11.40 8.24
N GLN B 213 -11.05 -10.69 7.11
CA GLN B 213 -9.83 -10.30 6.40
C GLN B 213 -8.99 -9.37 7.27
N LEU B 214 -9.66 -8.43 7.95
CA LEU B 214 -8.95 -7.48 8.81
C LEU B 214 -8.34 -8.19 10.02
N HIS B 215 -9.08 -9.12 10.61
CA HIS B 215 -8.55 -9.91 11.74
C HIS B 215 -7.28 -10.67 11.35
N LEU B 216 -7.28 -11.28 10.17
CA LEU B 216 -6.12 -12.06 9.74
C LEU B 216 -4.92 -11.14 9.48
N TYR B 217 -5.15 -10.03 8.78
CA TYR B 217 -4.09 -9.05 8.55
C TYR B 217 -3.49 -8.60 9.89
N CYS B 218 -4.35 -8.32 10.85
CA CYS B 218 -3.94 -7.86 12.17
C CYS B 218 -3.05 -8.89 12.87
N LEU B 219 -3.53 -10.12 12.95
CA LEU B 219 -2.76 -11.14 13.65
C LEU B 219 -1.41 -11.41 12.96
N ASN B 220 -1.39 -11.46 11.64
CA ASN B 220 -0.14 -11.56 10.88
C ASN B 220 0.81 -10.41 11.20
N THR B 221 0.31 -9.18 11.14
CA THR B 221 1.15 -8.02 11.38
C THR B 221 1.69 -8.03 12.83
N PHE B 222 0.84 -8.46 13.77
CA PHE B 222 1.15 -8.51 15.18
C PHE B 222 2.26 -9.53 15.46
N ILE B 223 2.11 -10.74 14.90
CA ILE B 223 3.12 -11.78 15.07
C ILE B 223 4.46 -11.40 14.44
N GLN B 224 4.41 -10.68 13.31
CA GLN B 224 5.61 -10.24 12.60
C GLN B 224 6.09 -8.82 12.99
N SER B 225 5.52 -8.26 14.05
CA SER B 225 5.72 -6.84 14.35
C SER B 225 7.19 -6.45 14.50
N ARG B 226 7.98 -7.26 15.21
CA ARG B 226 9.41 -6.94 15.37
C ARG B 226 10.14 -6.95 14.03
N ALA B 227 9.91 -8.00 13.22
CA ALA B 227 10.49 -8.12 11.89
C ALA B 227 10.12 -6.96 10.98
N LEU B 228 8.90 -6.47 11.13
CA LEU B 228 8.36 -5.39 10.29
C LEU B 228 8.70 -4.00 10.82
N SER B 229 9.29 -3.94 12.02
CA SER B 229 9.48 -2.69 12.78
C SER B 229 8.17 -1.94 12.97
N VAL B 230 7.10 -2.67 13.27
CA VAL B 230 5.78 -2.05 13.51
C VAL B 230 5.46 -2.13 15.01
N GLU B 231 5.16 -0.98 15.63
CA GLU B 231 4.85 -0.93 17.06
CA GLU B 231 4.84 -0.94 17.05
C GLU B 231 3.36 -1.14 17.29
N PHE B 232 3.03 -2.05 18.21
CA PHE B 232 1.67 -2.25 18.69
C PHE B 232 1.60 -1.76 20.13
N PRO B 233 0.78 -0.74 20.39
CA PRO B 233 0.65 -0.24 21.74
C PRO B 233 -0.01 -1.23 22.71
N GLU B 234 0.05 -0.89 23.99
CA GLU B 234 -0.29 -1.86 25.04
C GLU B 234 -1.74 -2.30 25.10
N MET B 235 -2.69 -1.38 24.99
CA MET B 235 -4.09 -1.75 25.12
C MET B 235 -4.53 -2.61 23.91
N MET B 236 -4.12 -2.19 22.72
N MET B 236 -4.11 -2.20 22.72
CA MET B 236 -4.40 -2.94 21.49
CA MET B 236 -4.40 -2.96 21.50
C MET B 236 -3.79 -4.35 21.54
C MET B 236 -3.79 -4.35 21.55
N SER B 237 -2.55 -4.44 22.01
CA SER B 237 -1.84 -5.72 22.13
C SER B 237 -2.62 -6.67 23.05
N GLU B 238 -3.17 -6.14 24.13
CA GLU B 238 -3.94 -6.99 25.04
C GLU B 238 -5.22 -7.50 24.40
N VAL B 239 -5.91 -6.65 23.66
N VAL B 239 -5.94 -6.66 23.67
CA VAL B 239 -7.19 -7.06 23.07
CA VAL B 239 -7.21 -7.13 23.08
C VAL B 239 -6.93 -8.11 21.99
C VAL B 239 -6.91 -8.16 22.00
N ILE B 240 -5.81 -7.97 21.28
CA ILE B 240 -5.41 -8.94 20.25
C ILE B 240 -5.06 -10.27 20.91
N ALA B 241 -4.19 -10.23 21.90
CA ALA B 241 -3.81 -11.43 22.63
C ALA B 241 -4.99 -12.11 23.35
N ALA B 242 -5.93 -11.32 23.88
CA ALA B 242 -7.06 -11.88 24.61
C ALA B 242 -8.01 -12.75 23.79
N GLN B 243 -8.28 -12.39 22.54
CA GLN B 243 -9.33 -13.09 21.78
C GLN B 243 -9.09 -13.33 20.30
N LEU B 244 -8.14 -12.65 19.67
CA LEU B 244 -8.12 -12.66 18.21
C LEU B 244 -7.85 -14.05 17.60
N PRO B 245 -6.94 -14.83 18.20
CA PRO B 245 -6.79 -16.20 17.66
C PRO B 245 -8.08 -17.04 17.75
N LYS B 246 -8.78 -16.93 18.88
CA LYS B 246 -10.04 -17.69 19.07
C LYS B 246 -11.11 -17.22 18.08
N ILE B 247 -11.18 -15.91 17.86
CA ILE B 247 -12.12 -15.35 16.88
C ILE B 247 -11.80 -15.85 15.48
N LEU B 248 -10.53 -15.76 15.08
CA LEU B 248 -10.09 -16.23 13.75
C LEU B 248 -10.38 -17.70 13.51
N ALA B 249 -10.24 -18.49 14.57
CA ALA B 249 -10.54 -19.90 14.53
C ALA B 249 -12.05 -20.21 14.42
N GLY B 250 -12.87 -19.17 14.49
CA GLY B 250 -14.33 -19.32 14.40
C GLY B 250 -14.97 -19.86 15.66
N MET B 251 -14.28 -19.72 16.80
CA MET B 251 -14.75 -20.28 18.06
C MET B 251 -15.59 -19.27 18.82
N VAL B 252 -16.50 -18.63 18.07
CA VAL B 252 -17.45 -17.65 18.56
C VAL B 252 -18.75 -17.83 17.77
N LYS B 253 -19.81 -17.16 18.21
CA LYS B 253 -21.10 -17.21 17.51
C LYS B 253 -21.45 -15.84 16.93
N PRO B 254 -21.24 -15.66 15.61
CA PRO B 254 -21.72 -14.44 14.97
C PRO B 254 -23.23 -14.46 14.91
N LEU B 255 -23.85 -13.32 15.17
CA LEU B 255 -25.29 -13.20 15.09
C LEU B 255 -25.64 -12.66 13.70
N LEU B 256 -26.65 -13.27 13.09
CA LEU B 256 -27.08 -12.90 11.75
C LEU B 256 -28.55 -12.54 11.73
N PHE B 257 -28.88 -11.52 10.95
CA PHE B 257 -30.27 -11.14 10.74
C PHE B 257 -30.91 -12.02 9.68
N HIS B 258 -30.10 -12.54 8.75
CA HIS B 258 -30.62 -13.32 7.63
C HIS B 258 -29.93 -14.67 7.46
N LYS B 259 -30.67 -15.63 6.90
CA LYS B 259 -30.19 -17.00 6.69
C LYS B 259 -29.25 -17.07 5.49
CL OR8 C . 20.15 -8.87 -15.72
C18 OR8 C . 19.85 -10.18 -14.61
N19 OR8 C . 20.33 -10.26 -13.36
C26 OR8 C . 21.20 -9.30 -12.67
N20 OR8 C . 19.87 -11.44 -12.79
C21 OR8 C . 19.14 -12.05 -13.67
C24 OR8 C . 18.45 -13.37 -13.45
C15 OR8 C . 19.11 -11.28 -14.85
S14 OR8 C . 18.20 -11.71 -16.30
O16 OR8 C . 18.46 -13.06 -16.54
O17 OR8 C . 18.32 -10.64 -17.22
N13 OR8 C . 16.63 -11.63 -15.76
C12 OR8 C . 15.90 -10.34 -15.67
C5 OR8 C . 16.42 -9.44 -14.57
C6 OR8 C . 16.58 -9.89 -13.25
C1 OR8 C . 17.04 -9.04 -12.25
C4 OR8 C . 16.72 -8.11 -14.86
C3 OR8 C . 17.18 -7.27 -13.88
C2 OR8 C . 17.36 -7.71 -12.55
C7 OR8 C . 17.86 -6.76 -11.52
C11 OR8 C . 18.89 -5.85 -11.59
C22 OR8 C . 19.80 -5.63 -12.76
O10 OR8 C . 18.91 -5.21 -10.42
N9 OR8 C . 18.03 -5.61 -9.65
C8 OR8 C . 17.32 -6.56 -10.22
C23 OR8 C . 16.15 -7.31 -9.66
C1 GOL D . 24.05 -14.90 -21.22
O1 GOL D . 24.63 -14.15 -22.27
C2 GOL D . 24.43 -16.37 -21.28
O2 GOL D . 25.49 -16.59 -20.36
C3 GOL D . 23.26 -17.27 -20.91
O3 GOL D . 22.77 -17.00 -19.61
S SO4 E . -1.53 14.18 -12.89
S SO4 E . -1.08 14.10 -12.35
O1 SO4 E . -0.91 15.31 -13.55
O1 SO4 E . -0.28 15.25 -12.72
O2 SO4 E . -1.86 14.54 -11.50
O2 SO4 E . -1.00 13.07 -13.39
O3 SO4 E . -2.72 13.80 -13.62
O3 SO4 E . -0.57 13.56 -11.11
O4 SO4 E . -0.61 13.03 -12.87
O4 SO4 E . -2.48 14.47 -12.16
C1 GOL F . 4.55 16.50 -15.67
O1 GOL F . 3.50 16.05 -16.49
C2 GOL F . 4.01 16.70 -14.26
O2 GOL F . 2.79 17.39 -14.36
C3 GOL F . 5.01 17.50 -13.44
O3 GOL F . 5.08 18.80 -13.96
C1 GOL G . 14.32 2.77 -6.15
O1 GOL G . 13.02 3.14 -6.54
C2 GOL G . 14.23 1.64 -5.12
O2 GOL G . 15.53 1.20 -4.78
C3 GOL G . 13.37 0.51 -5.70
O3 GOL G . 13.49 -0.67 -4.92
C1 GOL H . 17.26 1.35 -22.88
O1 GOL H . 18.56 1.90 -22.87
C2 GOL H . 16.81 1.04 -24.31
O2 GOL H . 16.96 2.15 -25.18
C3 GOL H . 15.34 0.63 -24.29
O3 GOL H . 15.22 -0.53 -23.50
C1 GOL I . 3.80 -4.56 -18.65
O1 GOL I . 3.64 -5.50 -19.70
C2 GOL I . 2.46 -4.12 -18.07
O2 GOL I . 1.47 -4.05 -19.08
C3 GOL I . 2.59 -2.76 -17.42
O3 GOL I . 1.38 -2.44 -16.77
CL OR8 J . -6.64 -3.41 10.33
C18 OR8 J . -5.20 -2.40 10.29
N19 OR8 J . -5.15 -1.26 9.60
C26 OR8 J . -6.22 -0.68 8.75
N20 OR8 J . -3.89 -0.69 9.75
C21 OR8 J . -3.19 -1.46 10.54
C24 OR8 J . -1.78 -1.19 10.95
C15 OR8 J . -3.99 -2.56 10.90
S14 OR8 J . -3.46 -3.85 12.00
O16 OR8 J . -2.16 -4.18 11.59
O17 OR8 J . -4.55 -4.76 12.03
N13 OR8 J . -3.39 -3.17 13.51
C12 OR8 J . -4.61 -2.92 14.30
C5 OR8 J . -5.53 -1.87 13.72
C6 OR8 J . -5.08 -0.62 13.31
C1 OR8 J . -5.99 0.30 12.80
C4 OR8 J . -6.88 -2.15 13.67
C3 OR8 J . -7.79 -1.24 13.19
C2 OR8 J . -7.35 -0.01 12.75
C7 OR8 J . -8.36 0.94 12.21
C11 OR8 J . -9.37 0.67 11.30
C22 OR8 J . -9.65 -0.67 10.65
O10 OR8 J . -10.00 1.83 11.13
N9 OR8 J . -9.49 2.74 11.83
C8 OR8 J . -8.47 2.30 12.53
C23 OR8 J . -7.58 3.05 13.51
C1 GOL K . -17.07 -10.30 14.30
O1 GOL K . -17.49 -10.34 12.95
C2 GOL K . -16.73 -11.70 14.83
O2 GOL K . -17.87 -12.53 14.76
C3 GOL K . -16.29 -11.52 16.28
O3 GOL K . -15.08 -10.80 16.26
C1 GOL L . -31.48 -0.94 26.12
O1 GOL L . -31.08 -1.68 27.26
C2 GOL L . -31.76 0.52 26.50
O2 GOL L . -32.36 0.59 27.77
C3 GOL L . -32.71 1.13 25.48
O3 GOL L . -32.85 2.50 25.75
C1 GOL M . 2.16 -8.27 7.21
O1 GOL M . 1.69 -7.01 7.66
C2 GOL M . 1.03 -9.26 6.92
O2 GOL M . 1.55 -10.53 6.63
C3 GOL M . 0.19 -8.83 5.73
O3 GOL M . -1.00 -9.60 5.73
C1 GOL N . -17.57 7.11 15.08
O1 GOL N . -17.98 7.02 16.42
C2 GOL N . -16.36 8.05 15.02
O2 GOL N . -15.99 8.31 13.69
C3 GOL N . -15.22 7.37 15.79
O3 GOL N . -14.00 8.09 15.72
#